data_9F8H
#
_entry.id   9F8H
#
_cell.length_a   54.039
_cell.length_b   69.099
_cell.length_c   54.217
_cell.angle_alpha   90.00
_cell.angle_beta   101.08
_cell.angle_gamma   90.00
#
_symmetry.space_group_name_H-M   'P 1 21 1'
#
loop_
_entity.id
_entity.type
_entity.pdbx_description
1 polymer 'Phenazine biosynthesis protein A/B'
2 non-polymer RALOXIFENE
3 non-polymer GLYCEROL
4 non-polymer 1,2-ETHANEDIOL
5 water water
#
_entity_poly.entity_id   1
_entity_poly.type   'polypeptide(L)'
_entity_poly.pdbx_seq_one_letter_code
;MGSSHHHHHHSSGLVPRGSHMSDVESLENTSENRAQVAARQHNRKIVEQYMHTRGEARLKRHLLFTEDGVGGLWTTDSGQ
PIAIRGREKLGEHAVWSLQCFPDWVWTDIQIFETQDPNWFWVECRGEGAIVFPGYPRGQYRNHFLHSFRFENGLIKEQRE
FMNPCEQFRSLGIEVPEVRRDGLPS
;
_entity_poly.pdbx_strand_id   A,B
#
loop_
_chem_comp.id
_chem_comp.type
_chem_comp.name
_chem_comp.formula
EDO non-polymer 1,2-ETHANEDIOL 'C2 H6 O2'
GOL non-polymer GLYCEROL 'C3 H8 O3'
RAL non-polymer RALOXIFENE 'C28 H27 N O4 S'
#
# COMPACT_ATOMS: atom_id res chain seq x y z
N GLU A 32 -7.00 -31.59 -1.50
CA GLU A 32 -6.32 -30.35 -1.12
C GLU A 32 -6.95 -29.18 -1.84
N ASN A 33 -7.23 -29.38 -3.14
CA ASN A 33 -7.82 -28.27 -3.90
C ASN A 33 -9.19 -27.91 -3.37
N ARG A 34 -10.03 -28.91 -3.09
CA ARG A 34 -11.35 -28.63 -2.50
C ARG A 34 -11.22 -27.80 -1.22
N ALA A 35 -10.25 -28.13 -0.37
CA ALA A 35 -10.07 -27.38 0.87
C ALA A 35 -9.64 -25.96 0.60
N GLN A 36 -8.80 -25.76 -0.39
CA GLN A 36 -8.32 -24.41 -0.66
C GLN A 36 -9.43 -23.55 -1.22
N VAL A 37 -10.19 -24.09 -2.17
CA VAL A 37 -11.30 -23.34 -2.75
C VAL A 37 -12.31 -22.98 -1.66
N ALA A 38 -12.62 -23.93 -0.77
CA ALA A 38 -13.59 -23.67 0.29
C ALA A 38 -13.09 -22.57 1.21
N ALA A 39 -11.80 -22.63 1.57
CA ALA A 39 -11.23 -21.62 2.44
C ALA A 39 -11.31 -20.26 1.79
N ARG A 40 -10.96 -20.18 0.50
CA ARG A 40 -10.97 -18.88 -0.15
C ARG A 40 -12.38 -18.27 -0.20
N GLN A 41 -13.40 -19.08 -0.52
CA GLN A 41 -14.74 -18.52 -0.61
C GLN A 41 -15.24 -18.04 0.74
N HIS A 42 -14.95 -18.78 1.81
CA HIS A 42 -15.36 -18.32 3.13
C HIS A 42 -14.60 -17.08 3.53
N ASN A 43 -13.31 -17.08 3.30
CA ASN A 43 -12.51 -15.96 3.72
C ASN A 43 -12.93 -14.70 3.02
N ARG A 44 -13.29 -14.79 1.72
CA ARG A 44 -13.76 -13.62 0.99
C ARG A 44 -14.99 -13.01 1.63
N LYS A 45 -15.89 -13.88 2.12
CA LYS A 45 -17.09 -13.37 2.80
C LYS A 45 -16.71 -12.58 4.04
N ILE A 46 -15.71 -13.06 4.79
CA ILE A 46 -15.24 -12.33 5.98
C ILE A 46 -14.63 -10.99 5.57
N VAL A 47 -13.82 -10.96 4.51
CA VAL A 47 -13.25 -9.68 4.05
C VAL A 47 -14.37 -8.71 3.69
N GLU A 48 -15.35 -9.17 2.90
N GLU A 48 -15.37 -9.20 2.94
CA GLU A 48 -16.46 -8.31 2.58
CA GLU A 48 -16.47 -8.33 2.56
C GLU A 48 -17.12 -7.79 3.85
C GLU A 48 -17.22 -7.82 3.79
N GLN A 49 -17.45 -8.69 4.78
CA GLN A 49 -18.13 -8.25 6.00
C GLN A 49 -17.30 -7.20 6.73
N TYR A 50 -16.01 -7.43 6.82
CA TYR A 50 -15.12 -6.46 7.46
C TYR A 50 -15.18 -5.10 6.80
N MET A 51 -15.07 -5.06 5.47
CA MET A 51 -15.04 -3.81 4.76
C MET A 51 -16.33 -3.07 4.86
N HIS A 52 -17.45 -3.77 5.08
CA HIS A 52 -18.74 -3.15 5.12
C HIS A 52 -19.23 -2.91 6.53
N THR A 53 -18.40 -3.12 7.53
CA THR A 53 -18.81 -2.93 8.91
C THR A 53 -18.74 -1.45 9.24
N ARG A 54 -19.87 -0.88 9.66
CA ARG A 54 -19.99 0.54 9.87
C ARG A 54 -20.75 0.79 11.15
N GLY A 55 -20.57 2.00 11.67
CA GLY A 55 -21.44 2.33 12.80
C GLY A 55 -21.18 1.48 14.04
N GLU A 56 -22.25 1.25 14.79
CA GLU A 56 -22.16 0.48 16.03
C GLU A 56 -21.72 -0.95 15.80
N ALA A 57 -21.90 -1.50 14.59
CA ALA A 57 -21.41 -2.86 14.32
C ALA A 57 -19.90 -2.95 14.45
N ARG A 58 -19.21 -1.83 14.39
CA ARG A 58 -17.76 -1.87 14.61
C ARG A 58 -17.42 -2.39 15.99
N LEU A 59 -18.33 -2.24 16.96
CA LEU A 59 -18.03 -2.73 18.30
C LEU A 59 -17.87 -4.23 18.33
N LYS A 60 -18.41 -4.97 17.35
CA LYS A 60 -18.31 -6.42 17.31
C LYS A 60 -17.36 -6.93 16.23
N ARG A 61 -16.60 -6.04 15.62
CA ARG A 61 -15.74 -6.47 14.51
C ARG A 61 -14.58 -7.32 15.03
N HIS A 62 -14.23 -7.25 16.31
CA HIS A 62 -13.19 -8.11 16.81
C HIS A 62 -13.56 -9.56 16.73
N LEU A 63 -14.85 -9.91 16.57
CA LEU A 63 -15.25 -11.29 16.44
C LEU A 63 -14.87 -11.87 15.09
N LEU A 64 -14.44 -11.04 14.15
CA LEU A 64 -13.92 -11.55 12.87
C LEU A 64 -12.46 -11.96 12.95
N PHE A 65 -11.82 -11.76 14.09
CA PHE A 65 -10.42 -12.08 14.35
C PHE A 65 -10.29 -13.33 15.17
N THR A 66 -9.15 -14.01 15.00
CA THR A 66 -8.75 -15.04 15.96
C THR A 66 -8.53 -14.40 17.33
N GLU A 67 -8.52 -15.21 18.40
CA GLU A 67 -8.36 -14.69 19.78
C GLU A 67 -7.04 -13.90 19.89
N ASP A 68 -6.00 -14.34 19.18
CA ASP A 68 -4.68 -13.67 19.18
C ASP A 68 -4.49 -12.85 17.90
N GLY A 69 -5.58 -12.51 17.22
CA GLY A 69 -5.50 -11.80 15.92
C GLY A 69 -4.93 -10.41 16.10
N VAL A 70 -4.20 -9.91 15.12
CA VAL A 70 -3.58 -8.56 15.18
C VAL A 70 -4.21 -7.70 14.07
N GLY A 71 -4.43 -6.41 14.31
CA GLY A 71 -4.94 -5.49 13.30
C GLY A 71 -4.36 -4.12 13.55
N GLY A 72 -4.05 -3.33 12.54
CA GLY A 72 -3.45 -2.04 12.78
C GLY A 72 -3.09 -1.30 11.53
N LEU A 73 -2.41 -0.20 11.76
CA LEU A 73 -1.96 0.76 10.77
C LEU A 73 -0.46 0.61 10.60
N TRP A 74 -0.03 0.26 9.39
CA TRP A 74 1.37 -0.04 9.15
C TRP A 74 2.17 1.16 8.72
N THR A 75 1.51 2.26 8.38
CA THR A 75 2.16 3.45 7.83
C THR A 75 1.86 4.64 8.72
N THR A 76 2.84 5.08 9.51
CA THR A 76 2.68 6.15 10.49
C THR A 76 3.88 7.09 10.40
N ASP A 77 3.75 8.22 11.11
CA ASP A 77 4.83 9.20 11.14
C ASP A 77 6.11 8.62 11.65
N SER A 78 6.04 7.71 12.61
CA SER A 78 7.25 7.23 13.25
C SER A 78 7.95 6.18 12.44
N GLY A 79 7.28 5.60 11.43
CA GLY A 79 7.82 4.50 10.69
C GLY A 79 7.58 3.14 11.30
N GLN A 80 6.98 3.08 12.49
CA GLN A 80 6.64 1.82 13.11
C GLN A 80 5.13 1.59 13.05
N PRO A 81 4.69 0.36 12.86
CA PRO A 81 3.26 0.11 12.85
C PRO A 81 2.64 0.36 14.21
N ILE A 82 1.36 0.70 14.17
CA ILE A 82 0.51 0.73 15.36
C ILE A 82 -0.31 -0.54 15.27
N ALA A 83 0.10 -1.55 16.02
CA ALA A 83 -0.51 -2.87 15.92
C ALA A 83 -1.28 -3.13 17.21
N ILE A 84 -2.50 -3.58 17.07
CA ILE A 84 -3.42 -3.83 18.18
C ILE A 84 -3.55 -5.35 18.27
N ARG A 85 -3.17 -5.94 19.40
CA ARG A 85 -2.98 -7.38 19.48
C ARG A 85 -3.98 -8.02 20.43
N GLY A 86 -4.76 -8.94 19.92
CA GLY A 86 -5.69 -9.75 20.68
C GLY A 86 -7.06 -9.15 20.73
N ARG A 87 -8.08 -10.01 20.95
CA ARG A 87 -9.48 -9.56 20.88
C ARG A 87 -9.83 -8.47 21.90
N GLU A 88 -9.33 -8.57 23.12
CA GLU A 88 -9.66 -7.55 24.11
C GLU A 88 -9.17 -6.18 23.66
N LYS A 89 -7.92 -6.11 23.23
CA LYS A 89 -7.43 -4.83 22.76
C LYS A 89 -8.13 -4.44 21.49
N LEU A 90 -8.46 -5.42 20.62
CA LEU A 90 -9.17 -5.04 19.40
C LEU A 90 -10.53 -4.45 19.72
N GLY A 91 -11.26 -5.02 20.68
CA GLY A 91 -12.53 -4.45 21.07
C GLY A 91 -12.42 -3.06 21.71
N GLU A 92 -11.35 -2.82 22.49
CA GLU A 92 -11.13 -1.48 23.07
C GLU A 92 -10.85 -0.44 22.01
N HIS A 93 -10.03 -0.80 21.01
CA HIS A 93 -9.77 0.15 19.93
C HIS A 93 -11.06 0.53 19.22
N ALA A 94 -11.98 -0.40 19.07
CA ALA A 94 -13.24 -0.13 18.36
C ALA A 94 -14.00 0.96 19.09
N VAL A 95 -13.97 0.92 20.43
CA VAL A 95 -14.66 1.96 21.22
C VAL A 95 -14.03 3.32 20.92
N TRP A 96 -12.71 3.36 20.93
CA TRP A 96 -12.00 4.60 20.65
C TRP A 96 -12.32 5.06 19.23
N SER A 97 -12.35 4.13 18.28
CA SER A 97 -12.57 4.43 16.85
C SER A 97 -13.96 4.99 16.63
N LEU A 98 -14.95 4.59 17.39
CA LEU A 98 -16.27 5.17 17.26
C LEU A 98 -16.31 6.63 17.71
N GLN A 99 -15.39 7.05 18.59
CA GLN A 99 -15.31 8.45 18.94
C GLN A 99 -14.43 9.24 17.98
N CYS A 100 -13.32 8.69 17.54
CA CYS A 100 -12.39 9.49 16.78
C CYS A 100 -12.59 9.43 15.27
N PHE A 101 -13.28 8.40 14.80
CA PHE A 101 -13.68 8.26 13.40
C PHE A 101 -15.16 7.87 13.37
N PRO A 102 -16.04 8.80 13.80
CA PRO A 102 -17.41 8.41 14.14
C PRO A 102 -18.28 7.95 12.98
N ASP A 103 -17.99 8.38 11.75
CA ASP A 103 -18.82 8.05 10.60
C ASP A 103 -18.03 7.39 9.48
N TRP A 104 -16.90 6.78 9.82
CA TRP A 104 -15.96 6.30 8.81
C TRP A 104 -16.61 5.30 7.87
N VAL A 105 -16.29 5.44 6.59
CA VAL A 105 -16.71 4.46 5.58
C VAL A 105 -15.55 4.14 4.65
N TRP A 106 -15.50 2.88 4.21
CA TRP A 106 -14.64 2.45 3.12
C TRP A 106 -15.48 2.49 1.83
N THR A 107 -14.87 2.99 0.76
CA THR A 107 -15.53 3.17 -0.51
C THR A 107 -14.63 2.62 -1.62
N ASP A 108 -15.19 2.47 -2.82
CA ASP A 108 -14.39 2.04 -3.98
C ASP A 108 -13.63 0.74 -3.66
N ILE A 109 -14.33 -0.21 -3.05
CA ILE A 109 -13.67 -1.40 -2.53
C ILE A 109 -13.42 -2.38 -3.66
N GLN A 110 -12.18 -2.83 -3.77
CA GLN A 110 -11.80 -3.86 -4.72
C GLN A 110 -11.07 -4.93 -3.95
N ILE A 111 -11.62 -6.12 -3.89
CA ILE A 111 -11.05 -7.24 -3.15
C ILE A 111 -10.27 -8.12 -4.11
N PHE A 112 -9.02 -8.44 -3.76
CA PHE A 112 -8.14 -9.29 -4.52
C PHE A 112 -7.92 -10.59 -3.74
N GLU A 113 -8.41 -11.68 -4.29
CA GLU A 113 -7.96 -13.01 -3.86
C GLU A 113 -6.54 -13.20 -4.37
N THR A 114 -5.83 -14.17 -3.78
CA THR A 114 -4.48 -14.49 -4.21
C THR A 114 -4.33 -15.99 -4.38
N GLN A 115 -3.12 -16.39 -4.76
CA GLN A 115 -2.83 -17.83 -4.81
C GLN A 115 -2.85 -18.51 -3.47
N ASP A 116 -2.75 -17.75 -2.41
CA ASP A 116 -2.87 -18.24 -1.05
C ASP A 116 -4.33 -18.05 -0.63
N PRO A 117 -5.09 -19.12 -0.42
CA PRO A 117 -6.50 -18.96 -0.07
C PRO A 117 -6.69 -18.21 1.21
N ASN A 118 -5.65 -18.10 2.05
CA ASN A 118 -5.73 -17.42 3.33
C ASN A 118 -5.14 -16.01 3.29
N TRP A 119 -4.89 -15.44 2.12
CA TRP A 119 -4.30 -14.09 2.02
C TRP A 119 -5.05 -13.30 0.95
N PHE A 120 -5.62 -12.17 1.36
CA PHE A 120 -6.32 -11.24 0.50
C PHE A 120 -5.69 -9.86 0.61
N TRP A 121 -5.85 -9.08 -0.45
CA TRP A 121 -5.53 -7.66 -0.48
C TRP A 121 -6.77 -6.91 -0.91
N VAL A 122 -6.92 -5.70 -0.38
CA VAL A 122 -8.04 -4.84 -0.75
C VAL A 122 -7.49 -3.46 -1.07
N GLU A 123 -7.91 -2.90 -2.19
CA GLU A 123 -7.65 -1.51 -2.51
C GLU A 123 -8.97 -0.75 -2.32
N CYS A 124 -8.93 0.40 -1.68
CA CYS A 124 -10.14 1.17 -1.44
C CYS A 124 -9.78 2.61 -1.12
N ARG A 125 -10.80 3.42 -0.92
CA ARG A 125 -10.66 4.71 -0.27
C ARG A 125 -11.41 4.68 1.06
N GLY A 126 -11.08 5.61 1.93
CA GLY A 126 -11.81 5.76 3.18
C GLY A 126 -12.04 7.23 3.43
N GLU A 127 -13.12 7.54 4.14
CA GLU A 127 -13.38 8.92 4.47
C GLU A 127 -14.29 9.03 5.68
N GLY A 128 -14.16 10.15 6.34
CA GLY A 128 -15.04 10.49 7.45
C GLY A 128 -14.45 11.59 8.28
N ALA A 129 -15.26 12.04 9.23
CA ALA A 129 -14.76 12.99 10.23
C ALA A 129 -13.59 12.38 11.00
N ILE A 130 -12.65 13.24 11.37
CA ILE A 130 -11.54 12.87 12.22
C ILE A 130 -11.58 13.76 13.45
N VAL A 131 -11.65 13.11 14.61
CA VAL A 131 -11.87 13.78 15.89
C VAL A 131 -10.79 13.28 16.84
N PHE A 132 -9.58 13.76 16.63
CA PHE A 132 -8.43 13.35 17.42
C PHE A 132 -8.24 14.28 18.60
N PRO A 133 -7.83 13.72 19.72
CA PRO A 133 -7.68 14.52 20.95
C PRO A 133 -6.65 15.62 20.74
N GLY A 134 -7.05 16.83 21.07
CA GLY A 134 -6.11 17.93 20.98
C GLY A 134 -5.93 18.53 19.60
N TYR A 135 -6.70 18.10 18.62
CA TYR A 135 -6.64 18.65 17.27
C TYR A 135 -8.02 19.17 16.87
N PRO A 136 -8.11 20.16 15.98
CA PRO A 136 -9.43 20.57 15.51
C PRO A 136 -10.13 19.42 14.81
N ARG A 137 -11.46 19.38 14.93
CA ARG A 137 -12.25 18.41 14.15
C ARG A 137 -11.98 18.65 12.67
N GLY A 138 -11.74 17.58 11.93
CA GLY A 138 -11.44 17.68 10.53
C GLY A 138 -12.24 16.70 9.71
N GLN A 139 -11.95 16.71 8.42
CA GLN A 139 -12.46 15.70 7.50
C GLN A 139 -11.25 15.02 6.89
N TYR A 140 -11.22 13.72 6.97
CA TYR A 140 -10.08 12.92 6.52
C TYR A 140 -10.54 12.03 5.36
N ARG A 141 -9.79 12.05 4.26
CA ARG A 141 -9.99 11.20 3.11
C ARG A 141 -8.64 10.62 2.74
N ASN A 142 -8.58 9.33 2.44
CA ASN A 142 -7.31 8.77 1.98
C ASN A 142 -7.57 7.54 1.13
N HIS A 143 -6.52 7.11 0.43
CA HIS A 143 -6.44 5.86 -0.31
C HIS A 143 -5.75 4.84 0.60
N PHE A 144 -6.26 3.63 0.58
CA PHE A 144 -5.79 2.57 1.43
C PHE A 144 -5.58 1.28 0.66
N LEU A 145 -4.60 0.55 1.12
CA LEU A 145 -4.43 -0.87 0.84
C LEU A 145 -4.53 -1.63 2.15
N HIS A 146 -5.25 -2.74 2.14
CA HIS A 146 -5.38 -3.62 3.28
C HIS A 146 -4.88 -5.00 2.93
N SER A 147 -4.19 -5.61 3.87
CA SER A 147 -3.78 -7.00 3.81
C SER A 147 -4.55 -7.79 4.86
N PHE A 148 -5.11 -8.90 4.48
CA PHE A 148 -5.81 -9.82 5.40
C PHE A 148 -5.25 -11.22 5.30
N ARG A 149 -4.73 -11.73 6.39
CA ARG A 149 -4.29 -13.10 6.48
C ARG A 149 -5.16 -13.86 7.47
N PHE A 150 -5.57 -15.06 7.09
CA PHE A 150 -6.57 -15.88 7.78
C PHE A 150 -5.96 -17.11 8.41
N GLU A 151 -6.60 -17.55 9.49
CA GLU A 151 -6.31 -18.84 10.12
C GLU A 151 -7.63 -19.41 10.58
N ASN A 152 -7.97 -20.62 10.11
CA ASN A 152 -9.17 -21.33 10.57
C ASN A 152 -10.41 -20.44 10.50
N GLY A 153 -10.56 -19.72 9.40
CA GLY A 153 -11.80 -19.05 9.09
C GLY A 153 -11.95 -17.67 9.66
N LEU A 154 -10.96 -17.15 10.38
CA LEU A 154 -10.99 -15.81 10.95
C LEU A 154 -9.69 -15.09 10.64
N ILE A 155 -9.70 -13.78 10.84
CA ILE A 155 -8.55 -12.94 10.51
C ILE A 155 -7.48 -13.10 11.60
N LYS A 156 -6.29 -13.52 11.18
CA LYS A 156 -5.13 -13.60 12.05
C LYS A 156 -4.33 -12.31 12.03
N GLU A 157 -4.25 -11.64 10.88
CA GLU A 157 -3.51 -10.38 10.76
C GLU A 157 -4.15 -9.50 9.71
N GLN A 158 -4.55 -8.30 10.14
CA GLN A 158 -5.05 -7.26 9.22
C GLN A 158 -4.02 -6.12 9.29
N ARG A 159 -3.63 -5.55 8.16
CA ARG A 159 -2.69 -4.41 8.14
C ARG A 159 -3.24 -3.38 7.15
N GLU A 160 -3.27 -2.10 7.49
CA GLU A 160 -3.72 -1.09 6.49
C GLU A 160 -2.53 -0.18 6.14
N PHE A 161 -2.44 0.22 4.88
CA PHE A 161 -1.31 1.04 4.39
C PHE A 161 -1.88 2.24 3.71
N MET A 162 -1.41 3.42 4.05
CA MET A 162 -1.88 4.63 3.43
C MET A 162 -0.72 5.63 3.39
N ASN A 163 -1.01 6.83 2.83
CA ASN A 163 -0.05 7.92 2.85
C ASN A 163 -0.32 8.80 4.06
N PRO A 164 0.53 8.80 5.10
CA PRO A 164 0.22 9.60 6.29
C PRO A 164 0.14 11.09 6.02
N CYS A 165 0.70 11.60 4.92
CA CYS A 165 0.62 13.03 4.66
C CYS A 165 -0.83 13.47 4.55
N GLU A 166 -1.73 12.59 4.07
CA GLU A 166 -3.12 13.03 3.97
C GLU A 166 -3.77 13.13 5.36
N GLN A 167 -3.32 12.29 6.30
CA GLN A 167 -3.85 12.35 7.68
C GLN A 167 -3.24 13.58 8.35
N PHE A 168 -2.01 13.94 8.01
CA PHE A 168 -1.42 15.19 8.56
C PHE A 168 -2.30 16.34 8.12
N ARG A 169 -2.66 16.39 6.83
CA ARG A 169 -3.47 17.51 6.29
C ARG A 169 -4.83 17.58 7.01
N SER A 170 -5.47 16.45 7.27
CA SER A 170 -6.78 16.44 7.94
C SER A 170 -6.71 16.98 9.34
N LEU A 171 -5.54 16.89 9.96
CA LEU A 171 -5.33 17.33 11.35
C LEU A 171 -4.76 18.75 11.41
N GLY A 172 -4.59 19.39 10.26
CA GLY A 172 -3.99 20.71 10.23
C GLY A 172 -2.49 20.77 10.46
N ILE A 173 -1.80 19.62 10.36
CA ILE A 173 -0.35 19.52 10.52
C ILE A 173 0.31 19.82 9.19
N GLU A 174 1.31 20.71 9.22
CA GLU A 174 2.08 21.06 8.03
C GLU A 174 2.82 19.86 7.49
N VAL A 175 2.70 19.65 6.19
CA VAL A 175 3.40 18.56 5.51
C VAL A 175 4.65 19.12 4.86
N PRO A 176 5.82 18.55 5.08
CA PRO A 176 6.99 19.06 4.37
C PRO A 176 6.90 18.75 2.88
N GLU A 177 7.63 19.54 2.13
CA GLU A 177 7.65 19.44 0.69
C GLU A 177 9.06 19.11 0.27
N VAL A 178 9.19 18.06 -0.50
CA VAL A 178 10.45 17.79 -1.17
C VAL A 178 10.66 18.82 -2.27
N ARG A 179 11.84 19.43 -2.30
CA ARG A 179 12.15 20.40 -3.33
C ARG A 179 12.38 19.70 -4.65
N ARG A 180 11.66 20.12 -5.69
CA ARG A 180 11.67 19.41 -6.96
C ARG A 180 12.38 20.16 -8.06
N ASP A 181 13.06 21.26 -7.77
CA ASP A 181 13.57 22.10 -8.87
C ASP A 181 14.55 21.34 -9.75
N GLY A 182 15.38 20.50 -9.14
CA GLY A 182 16.38 19.83 -9.91
C GLY A 182 15.95 18.53 -10.49
N LEU A 183 14.72 18.13 -10.24
CA LEU A 183 14.15 16.89 -10.71
C LEU A 183 13.44 17.14 -12.04
N PRO A 184 13.56 16.24 -12.99
CA PRO A 184 12.97 16.49 -14.29
C PRO A 184 11.46 16.46 -14.20
N SER A 185 10.86 17.43 -14.87
CA SER A 185 9.43 17.60 -14.91
C SER A 185 9.13 18.49 -16.10
N GLU B 32 -11.78 -20.00 -22.44
CA GLU B 32 -11.64 -18.90 -21.48
C GLU B 32 -10.61 -19.20 -20.41
N ASN B 33 -10.77 -20.34 -19.72
CA ASN B 33 -9.81 -20.68 -18.65
C ASN B 33 -8.42 -20.87 -19.24
N ARG B 34 -8.30 -21.54 -20.39
CA ARG B 34 -6.99 -21.66 -21.04
C ARG B 34 -6.34 -20.29 -21.24
N ALA B 35 -7.08 -19.33 -21.77
CA ALA B 35 -6.52 -18.00 -22.01
C ALA B 35 -6.13 -17.29 -20.73
N GLN B 36 -6.94 -17.42 -19.68
CA GLN B 36 -6.64 -16.75 -18.43
C GLN B 36 -5.41 -17.35 -17.77
N VAL B 37 -5.32 -18.67 -17.75
CA VAL B 37 -4.16 -19.31 -17.17
C VAL B 37 -2.88 -18.94 -17.91
N ALA B 38 -2.93 -18.94 -19.25
CA ALA B 38 -1.74 -18.56 -20.03
C ALA B 38 -1.31 -17.11 -19.74
N ALA B 39 -2.29 -16.20 -19.69
CA ALA B 39 -1.98 -14.80 -19.38
C ALA B 39 -1.30 -14.69 -18.03
N ARG B 40 -1.86 -15.34 -16.99
CA ARG B 40 -1.32 -15.17 -15.66
C ARG B 40 0.10 -15.68 -15.56
N GLN B 41 0.40 -16.84 -16.18
CA GLN B 41 1.76 -17.40 -16.16
C GLN B 41 2.77 -16.47 -16.85
N HIS B 42 2.40 -15.91 -18.01
CA HIS B 42 3.32 -15.00 -18.68
C HIS B 42 3.50 -13.71 -17.89
N ASN B 43 2.39 -13.13 -17.41
CA ASN B 43 2.46 -11.86 -16.69
C ASN B 43 3.31 -12.02 -15.43
N ARG B 44 3.20 -13.16 -14.74
CA ARG B 44 4.01 -13.38 -13.55
C ARG B 44 5.49 -13.29 -13.87
N LYS B 45 5.89 -13.86 -15.01
CA LYS B 45 7.30 -13.79 -15.39
C LYS B 45 7.74 -12.34 -15.60
N ILE B 46 6.87 -11.51 -16.19
CA ILE B 46 7.21 -10.10 -16.37
C ILE B 46 7.34 -9.40 -15.00
N VAL B 47 6.43 -9.67 -14.06
CA VAL B 47 6.56 -9.06 -12.74
C VAL B 47 7.86 -9.46 -12.09
N GLU B 48 8.20 -10.76 -12.16
CA GLU B 48 9.45 -11.22 -11.59
C GLU B 48 10.62 -10.48 -12.23
N GLN B 49 10.63 -10.36 -13.57
CA GLN B 49 11.73 -9.68 -14.23
C GLN B 49 11.82 -8.23 -13.80
N TYR B 50 10.68 -7.55 -13.73
CA TYR B 50 10.66 -6.15 -13.30
C TYR B 50 11.27 -6.01 -11.91
N MET B 51 10.82 -6.83 -10.95
CA MET B 51 11.27 -6.67 -9.58
C MET B 51 12.74 -7.00 -9.40
N HIS B 52 13.31 -7.85 -10.25
CA HIS B 52 14.71 -8.20 -10.14
C HIS B 52 15.62 -7.33 -10.99
N THR B 53 15.08 -6.33 -11.71
CA THR B 53 15.89 -5.50 -12.57
C THR B 53 16.66 -4.48 -11.74
N ARG B 54 17.96 -4.44 -11.96
CA ARG B 54 18.81 -3.53 -11.22
C ARG B 54 19.96 -3.12 -12.10
N GLY B 55 20.68 -2.11 -11.66
CA GLY B 55 21.84 -1.65 -12.39
C GLY B 55 21.50 -1.10 -13.76
N GLU B 56 22.39 -1.36 -14.72
CA GLU B 56 22.22 -0.81 -16.06
C GLU B 56 21.00 -1.39 -16.76
N ALA B 57 20.54 -2.58 -16.36
CA ALA B 57 19.34 -3.17 -16.96
C ALA B 57 18.12 -2.28 -16.75
N ARG B 58 18.17 -1.40 -15.75
CA ARG B 58 17.08 -0.45 -15.57
C ARG B 58 16.85 0.44 -16.79
N LEU B 59 17.88 0.66 -17.61
CA LEU B 59 17.72 1.49 -18.78
C LEU B 59 16.78 0.91 -19.83
N LYS B 60 16.53 -0.40 -19.79
CA LYS B 60 15.68 -1.11 -20.75
C LYS B 60 14.37 -1.55 -20.13
N ARG B 61 14.12 -1.22 -18.88
CA ARG B 61 12.91 -1.75 -18.21
C ARG B 61 11.64 -1.18 -18.84
N HIS B 62 11.70 -0.04 -19.55
CA HIS B 62 10.51 0.47 -20.18
C HIS B 62 10.01 -0.46 -21.27
N LEU B 63 10.85 -1.37 -21.77
CA LEU B 63 10.38 -2.30 -22.77
C LEU B 63 9.45 -3.36 -22.20
N LEU B 64 9.26 -3.40 -20.88
CA LEU B 64 8.25 -4.24 -20.23
C LEU B 64 6.87 -3.61 -20.23
N PHE B 65 6.75 -2.37 -20.72
CA PHE B 65 5.52 -1.62 -20.75
C PHE B 65 4.92 -1.54 -22.14
N THR B 66 3.60 -1.35 -22.19
CA THR B 66 2.93 -1.01 -23.46
C THR B 66 3.38 0.37 -23.91
N GLU B 67 3.17 0.70 -25.21
CA GLU B 67 3.63 1.99 -25.70
C GLU B 67 3.05 3.16 -24.91
N ASP B 68 1.81 3.03 -24.48
CA ASP B 68 1.13 4.03 -23.65
C ASP B 68 1.14 3.67 -22.19
N GLY B 69 2.01 2.79 -21.76
CA GLY B 69 2.04 2.38 -20.36
C GLY B 69 2.42 3.52 -19.44
N VAL B 70 1.99 3.36 -18.19
CA VAL B 70 2.17 4.36 -17.12
C VAL B 70 2.85 3.66 -15.93
N GLY B 71 3.81 4.33 -15.34
CA GLY B 71 4.42 3.86 -14.10
C GLY B 71 4.69 5.05 -13.21
N GLY B 72 4.70 4.83 -11.90
CA GLY B 72 5.00 5.95 -11.02
C GLY B 72 4.76 5.65 -9.57
N LEU B 73 4.88 6.73 -8.80
CA LEU B 73 4.78 6.69 -7.35
C LEU B 73 3.46 7.34 -6.94
N TRP B 74 2.64 6.59 -6.24
CA TRP B 74 1.30 7.04 -5.95
C TRP B 74 1.19 7.72 -4.61
N THR B 75 2.22 7.67 -3.79
CA THR B 75 2.21 8.20 -2.41
C THR B 75 3.32 9.22 -2.28
N THR B 76 2.96 10.51 -2.29
CA THR B 76 3.94 11.59 -2.25
C THR B 76 3.48 12.63 -1.25
N ASP B 77 4.37 13.59 -0.99
CA ASP B 77 4.02 14.66 -0.07
C ASP B 77 2.83 15.47 -0.54
N SER B 78 2.62 15.64 -1.83
CA SER B 78 1.55 16.52 -2.28
C SER B 78 0.20 15.83 -2.22
N GLY B 79 0.18 14.52 -2.13
CA GLY B 79 -1.04 13.75 -2.26
C GLY B 79 -1.42 13.41 -3.67
N GLN B 80 -0.65 13.85 -4.66
CA GLN B 80 -0.91 13.51 -6.05
C GLN B 80 0.15 12.55 -6.55
N PRO B 81 -0.21 11.57 -7.37
CA PRO B 81 0.82 10.66 -7.90
C PRO B 81 1.81 11.40 -8.77
N ILE B 82 2.99 10.84 -8.86
CA ILE B 82 3.99 11.24 -9.86
C ILE B 82 3.97 10.11 -10.87
N ALA B 83 3.24 10.33 -11.99
CA ALA B 83 3.00 9.29 -12.97
C ALA B 83 3.75 9.64 -14.25
N ILE B 84 4.46 8.68 -14.78
CA ILE B 84 5.25 8.86 -15.99
C ILE B 84 4.50 8.09 -17.08
N ARG B 85 4.13 8.76 -18.15
CA ARG B 85 3.21 8.23 -19.15
C ARG B 85 3.90 8.06 -20.49
N GLY B 86 3.90 6.84 -20.96
CA GLY B 86 4.40 6.49 -22.27
C GLY B 86 5.80 5.95 -22.21
N ARG B 87 6.08 5.04 -23.12
CA ARG B 87 7.37 4.38 -23.11
C ARG B 87 8.54 5.35 -23.23
N GLU B 88 8.43 6.38 -24.09
CA GLU B 88 9.53 7.32 -24.23
C GLU B 88 9.85 8.01 -22.91
N LYS B 89 8.83 8.53 -22.24
CA LYS B 89 9.07 9.21 -20.98
C LYS B 89 9.55 8.21 -19.94
N LEU B 90 9.06 6.97 -19.99
CA LEU B 90 9.54 5.99 -19.04
C LEU B 90 11.01 5.74 -19.20
N GLY B 91 11.47 5.66 -20.45
CA GLY B 91 12.89 5.51 -20.70
C GLY B 91 13.74 6.68 -20.20
N GLU B 92 13.26 7.92 -20.37
CA GLU B 92 13.93 9.11 -19.83
C GLU B 92 13.99 9.12 -18.30
N HIS B 93 12.89 8.77 -17.63
CA HIS B 93 12.94 8.67 -16.17
C HIS B 93 13.99 7.67 -15.73
N ALA B 94 14.20 6.60 -16.50
CA ALA B 94 15.18 5.62 -16.07
C ALA B 94 16.55 6.28 -15.99
N VAL B 95 16.84 7.20 -16.90
CA VAL B 95 18.11 7.87 -16.82
C VAL B 95 18.20 8.68 -15.53
N TRP B 96 17.16 9.42 -15.19
CA TRP B 96 17.15 10.14 -13.93
C TRP B 96 17.21 9.18 -12.75
N SER B 97 16.48 8.06 -12.81
CA SER B 97 16.46 7.10 -11.71
C SER B 97 17.87 6.57 -11.41
N LEU B 98 18.66 6.30 -12.46
CA LEU B 98 20.02 5.83 -12.25
C LEU B 98 20.95 6.87 -11.64
N GLN B 99 20.61 8.16 -11.76
CA GLN B 99 21.35 9.21 -11.05
C GLN B 99 20.88 9.33 -9.60
N CYS B 100 19.55 9.43 -9.40
CA CYS B 100 18.94 9.71 -8.09
C CYS B 100 18.96 8.47 -7.18
N PHE B 101 18.84 7.26 -7.74
CA PHE B 101 18.78 6.02 -6.97
C PHE B 101 19.76 5.07 -7.63
N PRO B 102 21.06 5.33 -7.46
CA PRO B 102 22.06 4.70 -8.35
C PRO B 102 22.25 3.22 -8.14
N ASP B 103 21.91 2.70 -6.95
CA ASP B 103 22.14 1.30 -6.61
C ASP B 103 20.89 0.61 -6.05
N TRP B 104 19.72 1.07 -6.44
CA TRP B 104 18.48 0.60 -5.86
C TRP B 104 18.30 -0.91 -6.04
N VAL B 105 17.83 -1.57 -4.98
CA VAL B 105 17.48 -3.00 -4.98
C VAL B 105 16.13 -3.17 -4.32
N TRP B 106 15.30 -4.02 -4.92
CA TRP B 106 14.07 -4.53 -4.30
C TRP B 106 14.40 -5.86 -3.60
N THR B 107 14.00 -5.99 -2.34
CA THR B 107 14.25 -7.15 -1.53
C THR B 107 12.96 -7.67 -0.93
N ASP B 108 12.99 -8.89 -0.36
CA ASP B 108 11.83 -9.43 0.37
C ASP B 108 10.59 -9.49 -0.52
N ILE B 109 10.78 -9.89 -1.77
CA ILE B 109 9.72 -9.79 -2.78
C ILE B 109 8.72 -10.92 -2.60
N GLN B 110 7.45 -10.56 -2.48
CA GLN B 110 6.37 -11.51 -2.48
C GLN B 110 5.36 -11.09 -3.54
N ILE B 111 5.19 -11.92 -4.54
CA ILE B 111 4.29 -11.66 -5.65
C ILE B 111 2.93 -12.34 -5.42
N PHE B 112 1.88 -11.57 -5.52
CA PHE B 112 0.50 -12.02 -5.40
C PHE B 112 -0.20 -12.01 -6.74
N GLU B 113 -0.54 -13.20 -7.24
CA GLU B 113 -1.46 -13.31 -8.34
C GLU B 113 -2.83 -12.94 -7.79
N THR B 114 -3.77 -12.62 -8.66
CA THR B 114 -5.15 -12.35 -8.24
C THR B 114 -6.14 -13.10 -9.12
N GLN B 115 -7.42 -12.95 -8.82
CA GLN B 115 -8.45 -13.54 -9.68
C GLN B 115 -8.45 -12.94 -11.08
N ASP B 116 -7.90 -11.74 -11.24
CA ASP B 116 -7.71 -11.12 -12.55
C ASP B 116 -6.35 -11.54 -13.09
N PRO B 117 -6.26 -12.31 -14.17
CA PRO B 117 -4.94 -12.76 -14.65
C PRO B 117 -4.05 -11.61 -15.08
N ASN B 118 -4.61 -10.44 -15.30
CA ASN B 118 -3.87 -9.26 -15.70
C ASN B 118 -3.62 -8.28 -14.56
N TRP B 119 -3.83 -8.69 -13.31
CA TRP B 119 -3.57 -7.79 -12.17
C TRP B 119 -2.79 -8.54 -11.09
N PHE B 120 -1.63 -8.01 -10.74
CA PHE B 120 -0.73 -8.54 -9.71
C PHE B 120 -0.47 -7.46 -8.66
N TRP B 121 -0.21 -7.91 -7.43
CA TRP B 121 0.29 -7.06 -6.37
C TRP B 121 1.59 -7.65 -5.84
N VAL B 122 2.51 -6.77 -5.41
CA VAL B 122 3.78 -7.20 -4.86
C VAL B 122 3.98 -6.47 -3.54
N GLU B 123 4.34 -7.19 -2.51
CA GLU B 123 4.83 -6.61 -1.26
C GLU B 123 6.33 -6.82 -1.21
N CYS B 124 7.07 -5.79 -0.87
CA CYS B 124 8.54 -5.91 -0.84
C CYS B 124 9.16 -4.79 -0.04
N ARG B 125 10.46 -4.79 0.04
CA ARG B 125 11.20 -3.67 0.63
C ARG B 125 12.08 -3.14 -0.48
N GLY B 126 12.62 -1.95 -0.32
CA GLY B 126 13.55 -1.37 -1.29
C GLY B 126 14.63 -0.68 -0.52
N GLU B 127 15.83 -0.65 -1.05
CA GLU B 127 16.89 0.11 -0.39
C GLU B 127 17.93 0.58 -1.38
N GLY B 128 18.56 1.69 -1.05
CA GLY B 128 19.67 2.20 -1.82
C GLY B 128 20.02 3.62 -1.45
N ALA B 129 21.14 4.08 -2.00
CA ALA B 129 21.49 5.49 -1.88
C ALA B 129 20.39 6.34 -2.48
N ILE B 130 20.16 7.49 -1.86
CA ILE B 130 19.30 8.53 -2.42
C ILE B 130 20.14 9.76 -2.67
N VAL B 131 20.17 10.22 -3.93
CA VAL B 131 21.02 11.33 -4.34
C VAL B 131 20.13 12.36 -5.04
N PHE B 132 19.37 13.10 -4.26
CA PHE B 132 18.46 14.09 -4.81
C PHE B 132 19.13 15.45 -4.91
N PRO B 133 18.82 16.19 -5.96
CA PRO B 133 19.48 17.49 -6.17
C PRO B 133 19.24 18.41 -4.99
N GLY B 134 20.32 18.98 -4.46
CA GLY B 134 20.23 19.94 -3.40
C GLY B 134 19.97 19.34 -2.03
N TYR B 135 20.03 18.03 -1.87
CA TYR B 135 19.94 17.39 -0.54
C TYR B 135 21.23 16.64 -0.27
N PRO B 136 21.60 16.42 0.98
CA PRO B 136 22.77 15.57 1.23
C PRO B 136 22.48 14.16 0.73
N ARG B 137 23.53 13.47 0.29
CA ARG B 137 23.40 12.06 -0.08
C ARG B 137 22.97 11.26 1.15
N GLY B 138 22.00 10.38 0.95
CA GLY B 138 21.43 9.62 2.04
C GLY B 138 21.33 8.15 1.68
N GLN B 139 20.91 7.37 2.66
CA GLN B 139 20.56 5.97 2.48
C GLN B 139 19.07 5.84 2.75
N TYR B 140 18.34 5.34 1.78
CA TYR B 140 16.89 5.23 1.83
C TYR B 140 16.48 3.77 1.90
N ARG B 141 15.64 3.45 2.87
CA ARG B 141 15.04 2.14 3.00
C ARG B 141 13.56 2.33 3.17
N ASN B 142 12.74 1.51 2.56
CA ASN B 142 11.30 1.61 2.79
C ASN B 142 10.61 0.30 2.44
N HIS B 143 9.40 0.18 2.94
CA HIS B 143 8.48 -0.90 2.61
C HIS B 143 7.58 -0.40 1.45
N PHE B 144 7.34 -1.27 0.49
CA PHE B 144 6.57 -0.89 -0.68
C PHE B 144 5.49 -1.91 -1.00
N LEU B 145 4.41 -1.42 -1.59
CA LEU B 145 3.43 -2.24 -2.31
C LEU B 145 3.43 -1.77 -3.76
N HIS B 146 3.40 -2.71 -4.69
CA HIS B 146 3.31 -2.43 -6.11
C HIS B 146 2.07 -3.04 -6.69
N SER B 147 1.44 -2.32 -7.61
CA SER B 147 0.33 -2.82 -8.41
C SER B 147 0.79 -2.89 -9.86
N PHE B 148 0.54 -4.02 -10.50
CA PHE B 148 0.87 -4.23 -11.93
C PHE B 148 -0.39 -4.67 -12.66
N ARG B 149 -0.81 -3.87 -13.64
CA ARG B 149 -1.90 -4.21 -14.54
C ARG B 149 -1.34 -4.37 -15.95
N PHE B 150 -1.75 -5.45 -16.60
CA PHE B 150 -1.23 -5.91 -17.89
C PHE B 150 -2.26 -5.74 -18.98
N GLU B 151 -1.72 -5.58 -20.19
CA GLU B 151 -2.49 -5.62 -21.45
C GLU B 151 -1.63 -6.26 -22.51
N ASN B 152 -2.11 -7.36 -23.07
CA ASN B 152 -1.43 -8.05 -24.19
C ASN B 152 0.03 -8.30 -23.88
N GLY B 153 0.30 -8.80 -22.69
CA GLY B 153 1.60 -9.33 -22.39
C GLY B 153 2.59 -8.36 -21.79
N LEU B 154 2.22 -7.07 -21.67
CA LEU B 154 3.10 -6.04 -21.14
C LEU B 154 2.35 -5.22 -20.09
N ILE B 155 3.13 -4.45 -19.33
CA ILE B 155 2.58 -3.66 -18.22
C ILE B 155 1.91 -2.40 -18.81
N LYS B 156 0.61 -2.25 -18.52
CA LYS B 156 -0.16 -1.05 -18.86
C LYS B 156 -0.09 -0.01 -17.76
N GLU B 157 -0.08 -0.46 -16.49
CA GLU B 157 -0.06 0.46 -15.34
C GLU B 157 0.70 -0.18 -14.21
N GLN B 158 1.77 0.45 -13.80
CA GLN B 158 2.51 0.13 -12.58
C GLN B 158 2.35 1.29 -11.63
N ARG B 159 2.08 0.98 -10.35
CA ARG B 159 1.95 2.01 -9.30
C ARG B 159 2.71 1.52 -8.07
N GLU B 160 3.50 2.37 -7.41
CA GLU B 160 4.17 1.94 -6.16
C GLU B 160 3.61 2.77 -4.99
N PHE B 161 3.42 2.13 -3.85
CA PHE B 161 2.85 2.80 -2.65
C PHE B 161 3.81 2.61 -1.49
N MET B 162 4.14 3.67 -0.80
CA MET B 162 5.04 3.61 0.36
C MET B 162 4.62 4.67 1.36
N ASN B 163 5.34 4.70 2.50
CA ASN B 163 5.19 5.74 3.49
C ASN B 163 6.20 6.85 3.21
N PRO B 164 5.80 8.02 2.72
CA PRO B 164 6.76 9.05 2.38
C PRO B 164 7.56 9.54 3.55
N CYS B 165 7.11 9.30 4.79
CA CYS B 165 7.87 9.78 5.93
C CYS B 165 9.26 9.15 5.98
N GLU B 166 9.38 7.90 5.51
CA GLU B 166 10.71 7.29 5.48
C GLU B 166 11.62 7.93 4.41
N GLN B 167 11.06 8.38 3.30
CA GLN B 167 11.86 9.09 2.32
C GLN B 167 12.25 10.47 2.85
N PHE B 168 11.35 11.15 3.58
CA PHE B 168 11.73 12.42 4.21
C PHE B 168 12.94 12.19 5.10
N ARG B 169 12.89 11.15 5.96
CA ARG B 169 14.02 10.90 6.86
C ARG B 169 15.32 10.70 6.09
N SER B 170 15.25 9.99 4.97
CA SER B 170 16.46 9.74 4.21
C SER B 170 17.06 11.00 3.62
N LEU B 171 16.25 12.04 3.42
CA LEU B 171 16.67 13.30 2.87
C LEU B 171 16.99 14.34 3.93
N GLY B 172 16.89 13.98 5.21
CA GLY B 172 17.13 14.90 6.29
C GLY B 172 16.00 15.88 6.52
N ILE B 173 14.81 15.59 6.00
CA ILE B 173 13.64 16.44 6.18
C ILE B 173 12.95 16.03 7.48
N GLU B 174 12.63 17.00 8.33
CA GLU B 174 11.91 16.77 9.59
C GLU B 174 10.52 16.22 9.32
N VAL B 175 10.17 15.16 10.00
CA VAL B 175 8.85 14.54 9.88
C VAL B 175 7.98 15.05 11.02
N PRO B 176 6.76 15.56 10.75
CA PRO B 176 5.91 15.96 11.86
C PRO B 176 5.47 14.75 12.65
N GLU B 177 5.11 15.02 13.88
CA GLU B 177 4.74 13.99 14.84
C GLU B 177 3.31 14.28 15.26
N VAL B 178 2.45 13.30 15.09
CA VAL B 178 1.10 13.37 15.63
C VAL B 178 1.21 13.21 17.15
N ARG B 179 0.59 14.12 17.89
CA ARG B 179 0.61 14.00 19.34
C ARG B 179 -0.30 12.87 19.76
N ARG B 180 0.20 11.92 20.55
CA ARG B 180 -0.57 10.70 20.92
C ARG B 180 -0.95 10.65 22.40
N ASP B 181 -0.85 11.77 23.10
CA ASP B 181 -1.13 11.79 24.56
C ASP B 181 -2.59 11.40 24.84
N GLY B 182 -3.53 11.86 24.03
CA GLY B 182 -4.96 11.60 24.27
C GLY B 182 -5.41 10.27 23.72
N LEU B 183 -4.53 9.53 23.02
CA LEU B 183 -4.90 8.29 22.39
C LEU B 183 -4.55 7.15 23.33
N PRO B 184 -5.37 6.13 23.35
CA PRO B 184 -5.11 5.00 24.24
C PRO B 184 -3.85 4.27 23.80
N SER B 185 -3.00 4.01 24.79
CA SER B 185 -1.76 3.30 24.60
C SER B 185 -1.61 2.38 25.79
C1 RAL C . -2.00 7.79 12.35
C1 RAL C . -2.06 7.63 12.27
C2 RAL C . -0.89 8.42 11.84
C2 RAL C . -0.97 8.31 11.75
C3 RAL C . 0.15 8.80 12.69
C3 RAL C . 0.00 8.82 12.59
O3 RAL C . 1.25 9.40 12.15
O3 RAL C . 1.09 9.46 12.08
C4 RAL C . 0.08 8.54 14.04
C4 RAL C . -0.10 8.64 13.97
C5 RAL C . -1.05 7.90 14.54
C5 RAL C . -1.21 7.97 14.47
S6 RAL C . -1.31 7.42 16.19
S6 RAL C . -1.50 7.61 16.15
C7 RAL C . -2.81 6.66 15.79
C7 RAL C . -2.94 6.73 15.75
C8 RAL C . -3.49 5.99 16.92
C8 RAL C . -3.58 6.05 16.89
C9 RAL C . -4.86 5.95 17.00
C9 RAL C . -4.96 6.02 17.02
C10 RAL C . -5.50 5.35 18.08
C10 RAL C . -5.56 5.43 18.13
C11 RAL C . -4.74 4.79 19.10
C11 RAL C . -4.77 4.87 19.11
O11 RAL C . -5.28 4.25 20.24
O11 RAL C . -5.30 4.35 20.27
C12 RAL C . -3.36 4.82 19.03
C12 RAL C . -3.40 4.88 19.00
C13 RAL C . -2.74 5.41 17.94
C13 RAL C . -2.81 5.46 17.89
C14 RAL C . -2.11 7.51 13.72
C14 RAL C . -2.20 7.45 13.65
C15 RAL C . -3.13 6.78 14.45
C15 RAL C . -3.20 6.72 14.40
C16 RAL C . -4.30 6.28 13.72
C16 RAL C . -4.38 6.19 13.74
O16 RAL C . -4.95 7.06 13.06
O16 RAL C . -5.09 6.95 13.12
C17 RAL C . -4.69 4.85 13.69
C17 RAL C . -4.71 4.74 13.79
C18 RAL C . -5.77 4.50 12.89
C18 RAL C . -5.85 4.30 13.12
C19 RAL C . -6.15 3.18 12.76
C19 RAL C . -6.19 2.96 13.10
C20 RAL C . -5.46 2.17 13.42
C20 RAL C . -5.38 2.03 13.73
C21 RAL C . -4.37 2.51 14.22
C21 RAL C . -4.24 2.44 14.39
C22 RAL C . -3.99 3.85 14.35
C22 RAL C . -3.91 3.80 14.42
O23 RAL C . -5.77 0.83 13.23
O23 RAL C . -5.67 0.68 13.63
C24 RAL C . -6.69 0.44 12.15
C24 RAL C . -6.39 0.21 12.46
C25 RAL C . -6.89 -1.04 12.07
C25 RAL C . -6.93 -1.20 12.65
N26 RAL C . -7.80 -1.59 13.07
N26 RAL C . -7.79 -1.38 13.82
C27 RAL C . -7.25 -1.48 14.43
C27 RAL C . -7.74 -2.76 14.34
C28 RAL C . -8.07 -2.33 15.42
C28 RAL C . -9.10 -3.34 14.62
C29 RAL C . -9.44 -2.64 14.85
C29 RAL C . -9.95 -3.37 13.35
C30 RAL C . -9.32 -3.42 13.53
C30 RAL C . -9.91 -2.03 12.67
C31 RAL C . -8.10 -3.00 12.78
C31 RAL C . -9.19 -1.01 13.51
H1 RAL C . -2.67 7.56 11.67
H1 RAL C . -2.69 7.32 11.59
H2 RAL C . -0.83 8.60 10.87
H2 RAL C . -0.89 8.43 10.78
HO3 RAL C . 1.81 9.55 12.77
HO3 RAL C . 1.60 9.69 12.72
H4 RAL C . 0.80 8.80 14.65
H4 RAL C . 0.58 9.00 14.58
H9 RAL C . -5.50 6.31 16.35
H9 RAL C . -5.60 6.39 16.38
H10 RAL C . -6.47 5.33 18.14
H10 RAL C . -6.53 5.42 18.20
HO1 RAL C . -6.12 4.34 20.19
HO1 RAL C . -6.15 4.45 20.25
H12 RAL C . -2.79 4.43 19.73
H12 RAL C . -2.83 4.49 19.69
H13 RAL C . -1.77 5.39 17.96
H13 RAL C . -1.83 5.44 17.88
H18 RAL C . -6.31 5.13 12.38
H18 RAL C . -6.48 4.88 12.65
H19 RAL C . -6.94 2.98 12.21
H19 RAL C . -7.01 2.67 12.64
H21 RAL C . -3.85 1.86 14.73
H21 RAL C . -3.63 1.83 14.86
H22 RAL C . -3.21 4.04 14.92
H22 RAL C . -3.09 4.04 14.90
H241 RAL C . -6.53 1.25 11.62
H241 RAL C . -5.97 0.87 11.87
H242 RAL C . -7.22 0.66 11.35
H242 RAL C . -6.68 0.32 11.52
H251 RAL C . -5.96 -1.05 11.73
H251 RAL C . -6.86 -1.31 11.68
H252 RAL C . -6.31 -1.82 12.01
H252 RAL C . -7.37 -1.91 12.15
H271 RAL C . -6.45 -1.53 15.00
H271 RAL C . -7.29 -3.39 14.95
H272 RAL C . -6.35 -1.29 14.12
H272 RAL C . -6.83 -2.66 14.68
H281 RAL C . -7.28 -2.67 15.90
H281 RAL C . -8.88 -3.72 15.49
H282 RAL C . -8.10 -3.08 16.04
H282 RAL C . -9.63 -4.03 15.07
H291 RAL C . -9.89 -1.94 15.38
H291 RAL C . -10.47 -4.16 13.64
H292 RAL C . -10.35 -2.35 14.68
H292 RAL C . -10.78 -3.64 12.91
H301 RAL C . -9.91 -4.15 13.84
H301 RAL C . -10.08 -2.39 11.78
H302 RAL C . -9.40 -4.27 13.06
H302 RAL C . -9.76 -1.52 11.85
H311 RAL C . -7.73 -3.91 12.80
H311 RAL C . -9.76 -0.28 13.21
H312 RAL C . -7.16 -3.22 12.67
H312 RAL C . -8.96 -0.06 13.64
C1 GOL D . -10.58 4.37 10.34
C1 GOL D . -8.35 4.66 8.83
O1 GOL D . -11.22 3.67 11.48
O1 GOL D . -7.07 4.39 9.38
C2 GOL D . -9.13 3.96 10.40
C2 GOL D . -9.43 3.81 9.60
O2 GOL D . -9.01 2.57 10.26
O2 GOL D . -8.92 2.64 10.11
C3 GOL D . -8.41 4.72 9.22
C3 GOL D . -10.00 4.73 10.65
O3 GOL D . -6.96 4.49 9.31
O3 GOL D . -11.14 4.11 11.17
H11 GOL D . -10.65 5.34 10.39
H11 GOL D . -8.40 4.44 7.88
H12 GOL D . -10.96 4.12 9.49
H12 GOL D . -8.57 5.61 8.88
HO1 GOL D . -11.21 2.85 11.30
HO1 GOL D . -7.09 3.59 9.65
H2 GOL D . -8.75 4.18 11.27
H2 GOL D . -10.14 3.54 8.98
HO2 GOL D . -8.30 2.41 9.84
HO2 GOL D . -8.64 2.17 9.46
H31 GOL D . -8.65 5.66 9.26
H31 GOL D . -10.17 5.61 10.27
H32 GOL D . -8.77 4.42 8.37
H32 GOL D . -9.32 4.88 11.33
HO3 GOL D . -6.75 3.99 8.66
HO3 GOL D . -11.03 3.28 11.10
C1 EDO E . -6.10 -17.48 -8.47
O1 EDO E . -4.69 -17.33 -8.26
C2 EDO E . -6.86 -16.60 -7.51
O2 EDO E . -8.26 -16.81 -7.63
H11 EDO E . -6.35 -17.20 -9.50
H12 EDO E . -6.38 -18.52 -8.33
HO1 EDO E . -4.20 -17.89 -8.88
H21 EDO E . -6.55 -16.83 -6.48
H22 EDO E . -6.62 -15.55 -7.70
HO2 EDO E . -8.73 -16.23 -7.00
C1 RAL F . 8.93 11.12 -3.49
C1 RAL F . 8.99 11.12 -3.56
C2 RAL F . 8.27 11.74 -2.44
C2 RAL F . 8.31 11.67 -2.49
C3 RAL F . 7.97 13.10 -2.53
C3 RAL F . 7.99 13.03 -2.50
O3 RAL F . 7.32 13.70 -1.48
O3 RAL F . 7.23 13.49 -1.47
C4 RAL F . 8.31 13.83 -3.66
C4 RAL F . 8.34 13.82 -3.58
C5 RAL F . 8.96 13.18 -4.70
C5 RAL F . 9.03 13.26 -4.64
S6 RAL F . 9.50 13.90 -6.20
S6 RAL F . 9.49 14.06 -6.12
C7 RAL F . 10.15 12.38 -6.74
C7 RAL F . 10.09 12.57 -6.79
C8 RAL F . 10.84 12.37 -8.05
C8 RAL F . 10.64 12.63 -8.17
C9 RAL F . 10.28 13.01 -9.15
C9 RAL F . 10.07 13.48 -9.11
C10 RAL F . 10.91 12.96 -10.39
C10 RAL F . 10.62 13.59 -10.39
C11 RAL F . 12.10 12.27 -10.53
C11 RAL F . 11.74 12.85 -10.72
O11 RAL F . 12.74 12.18 -11.74
O11 RAL F . 12.29 13.03 -11.95
C12 RAL F . 12.67 11.63 -9.44
C12 RAL F . 12.31 12.00 -9.78
C13 RAL F . 12.03 11.68 -8.21
C13 RAL F . 11.75 11.90 -8.51
C14 RAL F . 9.29 11.82 -4.63
C14 RAL F . 9.35 11.89 -4.66
C15 RAL F . 9.97 11.37 -5.83
C15 RAL F . 9.97 11.51 -5.92
C16 RAL F . 10.47 10.00 -6.02
C16 RAL F . 10.42 10.14 -6.09
O16 RAL F . 11.34 9.57 -5.27
O16 RAL F . 11.09 9.64 -5.19
C17 RAL F . 9.90 9.13 -7.09
C17 RAL F . 9.96 9.27 -7.21
C18 RAL F . 10.16 7.76 -7.07
C18 RAL F . 10.43 7.96 -7.22
C19 RAL F . 9.71 6.94 -8.09
C19 RAL F . 9.96 7.05 -8.15
C20 RAL F . 8.99 7.47 -9.15
C20 RAL F . 9.00 7.44 -9.08
C21 RAL F . 8.72 8.84 -9.18
C21 RAL F . 8.54 8.75 -9.06
C22 RAL F . 9.18 9.66 -8.15
C22 RAL F . 9.01 9.66 -8.13
O23 RAL F . 8.64 6.70 -10.23
O23 RAL F . 8.42 6.59 -10.00
C24 RAL F . 9.35 5.46 -10.42
C24 RAL F . 8.58 5.15 -9.87
C25 RAL F . 8.39 4.41 -10.91
C25 RAL F . 8.16 4.49 -11.16
N26 RAL F . 8.57 4.13 -12.35
N26 RAL F . 8.97 4.91 -12.31
C27 RAL F . 7.92 2.87 -12.76
C27 RAL F . 8.36 4.66 -13.63
C28 RAL F . 8.42 2.41 -14.11
C28 RAL F . 8.25 3.18 -13.96
C29 RAL F . 9.87 2.01 -14.04
C29 RAL F . 9.59 2.49 -13.84
C30 RAL F . 10.55 2.73 -12.89
C30 RAL F . 10.23 2.79 -12.50
C31 RAL F . 9.98 4.13 -12.74
C31 RAL F . 10.29 4.29 -12.24
H1 RAL F . 9.09 10.17 -3.32
H1 RAL F . 9.17 10.16 -3.46
H2 RAL F . 8.02 11.24 -1.64
H2 RAL F . 8.06 11.11 -1.73
HO3 RAL F . 7.21 14.52 -1.67
HO3 RAL F . 7.04 14.32 -1.62
H4 RAL F . 8.09 14.78 -3.74
H4 RAL F . 8.11 14.78 -3.60
H9 RAL F . 9.45 13.53 -9.17
H9 RAL F . 9.28 14.04 -8.99
H10 RAL F . 10.51 13.43 -11.15
H10 RAL F . 10.21 14.18 -11.04
HO1 RAL F . 12.29 12.61 -12.32
HO1 RAL F . 11.81 13.60 -12.37
H12 RAL F . 13.51 11.14 -9.52
H12 RAL F . 13.10 11.47 -9.99
H13 RAL F . 12.49 11.20 -7.49
H13 RAL F . 12.22 11.28 -7.91
H18 RAL F . 10.65 7.28 -6.37
H18 RAL F . 11.10 7.60 -6.61
H19 RAL F . 9.89 5.97 -8.05
H19 RAL F . 10.31 6.14 -8.16
H21 RAL F . 8.22 9.27 -9.90
H21 RAL F . 7.87 9.08 -9.71
H22 RAL F . 8.95 10.61 -8.21
H22 RAL F . 8.64 10.57 -8.16
H241 RAL F . 10.24 5.86 -10.36
H241 RAL F . 8.57 5.18 -8.89
H242 RAL F . 10.13 4.89 -10.26
H242 RAL F . 8.62 4.34 -9.33
H251 RAL F . 7.77 4.76 -10.25
H251 RAL F . 7.25 4.47 -10.80
H252 RAL F . 7.42 4.33 -10.98
H252 RAL F . 7.35 4.41 -11.71
H271 RAL F . 7.62 1.97 -12.52
H271 RAL F . 8.35 4.90 -14.58
H272 RAL F . 7.76 2.58 -11.85
H272 RAL F . 8.62 5.54 -13.99
H281 RAL F . 7.52 2.21 -14.44
H281 RAL F . 7.43 3.31 -14.48
H282 RAL F . 8.25 1.88 -14.92
H282 RAL F . 7.88 2.49 -14.54
H291 RAL F . 9.91 1.69 -14.97
H291 RAL F . 9.69 2.39 -14.82
H292 RAL F . 10.71 1.82 -14.50
H292 RAL F . 10.44 2.24 -14.26
H301 RAL F . 10.84 1.90 -12.46
H301 RAL F . 10.03 1.89 -12.14
H302 RAL F . 10.88 2.70 -11.98
H302 RAL F . 10.30 2.56 -11.54
H311 RAL F . 10.63 4.50 -13.37
H311 RAL F . 11.11 4.21 -11.71
H312 RAL F . 9.88 5.01 -13.15
H312 RAL F . 10.62 5.01 -11.67
C1 GOL G . 13.53 3.67 -6.74
O1 GOL G . 13.95 3.57 -8.05
C2 GOL G . 12.24 4.24 -6.70
O2 GOL G . 11.34 3.53 -7.54
C3 GOL G . 11.75 4.09 -5.22
O3 GOL G . 10.45 4.81 -5.07
H11 GOL G . 14.14 4.20 -6.20
H12 GOL G . 13.51 2.80 -6.32
HO1 GOL G . 14.50 4.21 -8.18
H2 GOL G . 12.24 5.16 -7.00
HO2 GOL G . 10.59 3.46 -7.13
H31 GOL G . 12.44 4.40 -4.62
H32 GOL G . 11.65 3.14 -5.02
HO3 GOL G . 9.87 4.22 -4.85
#